data_3A01
#
_entry.id   3A01
#
_cell.length_a   70.930
_cell.length_b   85.400
_cell.length_c   110.680
_cell.angle_alpha   90.00
_cell.angle_beta   90.00
_cell.angle_gamma   90.00
#
_symmetry.space_group_name_H-M   'P 21 21 21'
#
loop_
_entity.id
_entity.type
_entity.pdbx_description
1 polymer 'Homeodomain-containing protein'
2 polymer 'Homeobox protein aristaless'
3 polymer "5'-D(*GP*GP*CP*TP*TP*AP*AP*TP*TP*AP*AP*TP*TP*GP*CP*GP*G)-3'"
4 polymer "5'-D(*CP*CP*GP*CP*AP*AP*TP*TP*AP*AP*TP*TP*AP*AP*GP*CP*C)-3'"
#
loop_
_entity_poly.entity_id
_entity_poly.type
_entity_poly.pdbx_seq_one_letter_code
_entity_poly.pdbx_strand_id
1 'polypeptide(L)'
;MARRIGHPYQNRTPPKRKKPRTSFTRIQVAELEKRFHKQKYLASAERAALARGLKMTDAQVKTWFQNRRTKWRRQTAEER
EAERQAANRLMLS
;
A,E
2 'polypeptide(L)' APKRKQRRYRTTFTSFQLEELEKAFSRTHYPDVFTREELAMKIGLTEARIQVWFQNRRAKWRKQEKV B,F
3 'polydeoxyribonucleotide' (DG)(DG)(DC)(DT)(DT)(DA)(DA)(DT)(DT)(DA)(DA)(DT)(DT)(DG)(DC)(DG)(DG) C,G
4 'polydeoxyribonucleotide' (DC)(DC)(DG)(DC)(DA)(DA)(DT)(DT)(DA)(DA)(DT)(DT)(DA)(DA)(DG)(DC)(DC) D,H
#
loop_
_chem_comp.id
_chem_comp.type
_chem_comp.name
_chem_comp.formula
DA DNA linking 2'-DEOXYADENOSINE-5'-MONOPHOSPHATE 'C10 H14 N5 O6 P'
DC DNA linking 2'-DEOXYCYTIDINE-5'-MONOPHOSPHATE 'C9 H14 N3 O7 P'
DG DNA linking 2'-DEOXYGUANOSINE-5'-MONOPHOSPHATE 'C10 H14 N5 O7 P'
DT DNA linking THYMIDINE-5'-MONOPHOSPHATE 'C10 H15 N2 O8 P'
#
# COMPACT_ATOMS: atom_id res chain seq x y z
N ALA A 2 24.79 -23.38 -9.00
CA ALA A 2 24.02 -22.43 -9.86
C ALA A 2 22.67 -22.19 -9.20
N ARG A 3 22.50 -21.00 -8.64
CA ARG A 3 21.23 -20.56 -8.07
C ARG A 3 21.20 -19.04 -8.14
N ARG A 4 22.39 -18.47 -7.94
CA ARG A 4 22.63 -17.04 -8.09
C ARG A 4 21.46 -16.15 -7.63
N ILE A 5 21.14 -16.33 -6.35
CA ILE A 5 20.19 -15.54 -5.57
C ILE A 5 20.61 -14.07 -5.40
N GLY A 6 19.62 -13.17 -5.35
CA GLY A 6 19.91 -11.72 -5.27
C GLY A 6 19.40 -11.10 -4.00
N HIS A 7 19.05 -9.82 -4.05
CA HIS A 7 18.73 -9.04 -2.84
C HIS A 7 17.24 -8.86 -2.48
N PRO A 8 16.91 -8.99 -1.18
CA PRO A 8 15.52 -9.02 -0.71
C PRO A 8 14.83 -7.68 -0.89
N TYR A 9 13.51 -7.70 -1.06
CA TYR A 9 12.74 -6.53 -1.52
C TYR A 9 12.48 -5.46 -0.46
N GLN A 10 12.20 -5.89 0.76
CA GLN A 10 12.00 -4.94 1.87
C GLN A 10 13.16 -3.97 2.08
N ASN A 11 14.39 -4.40 1.83
CA ASN A 11 15.54 -3.51 1.93
C ASN A 11 15.68 -2.48 0.84
N ARG A 12 14.94 -2.64 -0.25
CA ARG A 12 15.06 -1.69 -1.34
C ARG A 12 14.32 -0.41 -0.94
N THR A 13 14.74 0.72 -1.51
CA THR A 13 13.95 1.94 -1.39
C THR A 13 12.63 1.74 -2.15
N PRO A 14 11.51 2.15 -1.56
CA PRO A 14 10.24 2.03 -2.25
C PRO A 14 10.27 2.59 -3.68
N PRO A 15 9.63 1.87 -4.63
CA PRO A 15 9.51 2.23 -6.03
C PRO A 15 8.92 3.59 -6.23
N LYS A 16 9.12 4.14 -7.43
CA LYS A 16 8.39 5.30 -7.90
C LYS A 16 7.71 4.96 -9.21
N ARG A 17 6.53 4.36 -9.12
CA ARG A 17 5.78 4.05 -10.34
C ARG A 17 5.13 5.31 -10.92
N LYS A 18 5.79 5.91 -11.89
CA LYS A 18 5.24 7.07 -12.60
C LYS A 18 5.47 7.03 -14.13
N LYS A 19 4.54 6.46 -14.89
CA LYS A 19 3.47 5.60 -14.37
C LYS A 19 2.74 4.74 -15.45
N PRO A 20 2.17 5.40 -16.50
CA PRO A 20 0.88 4.95 -17.06
C PRO A 20 0.85 3.45 -17.34
N ARG A 21 -0.26 2.80 -16.98
CA ARG A 21 -0.38 1.37 -17.19
C ARG A 21 -0.67 1.07 -18.66
N THR A 22 0.38 0.87 -19.45
CA THR A 22 0.21 0.50 -20.87
C THR A 22 -0.15 -0.99 -21.04
N SER A 23 -0.70 -1.30 -22.20
CA SER A 23 -1.00 -2.66 -22.59
C SER A 23 -0.79 -2.72 -24.06
N PHE A 24 0.14 -3.57 -24.50
CA PHE A 24 0.52 -3.62 -25.92
C PHE A 24 -0.57 -4.30 -26.75
N THR A 25 -0.75 -3.80 -27.97
CA THR A 25 -1.78 -4.29 -28.91
C THR A 25 -1.41 -5.69 -29.37
N ARG A 26 -2.37 -6.47 -29.84
CA ARG A 26 -2.06 -7.86 -30.15
C ARG A 26 -1.06 -8.00 -31.28
N ILE A 27 -1.02 -7.03 -32.18
CA ILE A 27 -0.01 -7.03 -33.24
C ILE A 27 1.37 -6.79 -32.63
N GLN A 28 1.50 -5.70 -31.87
CA GLN A 28 2.69 -5.44 -31.07
C GLN A 28 3.10 -6.73 -30.37
N VAL A 29 2.15 -7.35 -29.67
CA VAL A 29 2.48 -8.56 -28.93
C VAL A 29 2.95 -9.69 -29.87
N ALA A 30 2.13 -10.03 -30.86
CA ALA A 30 2.44 -11.17 -31.71
C ALA A 30 3.75 -11.03 -32.49
N GLU A 31 4.16 -9.79 -32.77
CA GLU A 31 5.48 -9.55 -33.39
C GLU A 31 6.59 -9.86 -32.40
N LEU A 32 6.41 -9.37 -31.17
CA LEU A 32 7.37 -9.60 -30.11
C LEU A 32 7.55 -11.11 -29.93
N GLU A 33 6.45 -11.84 -29.83
CA GLU A 33 6.52 -13.28 -29.68
C GLU A 33 7.23 -13.95 -30.87
N LYS A 34 7.02 -13.39 -32.06
CA LYS A 34 7.57 -13.96 -33.28
C LYS A 34 9.08 -13.84 -33.24
N ARG A 35 9.58 -12.63 -32.98
CA ARG A 35 11.00 -12.41 -32.77
C ARG A 35 11.57 -13.27 -31.65
N PHE A 36 10.80 -13.45 -30.58
CA PHE A 36 11.28 -14.17 -29.42
C PHE A 36 11.63 -15.59 -29.76
N HIS A 37 10.81 -16.17 -30.64
CA HIS A 37 10.95 -17.55 -31.05
C HIS A 37 12.28 -17.81 -31.72
N LYS A 38 12.79 -16.86 -32.49
CA LYS A 38 14.07 -17.09 -33.12
C LYS A 38 15.28 -16.41 -32.46
N GLN A 39 15.02 -15.58 -31.45
CA GLN A 39 16.08 -14.75 -30.84
C GLN A 39 15.73 -14.40 -29.40
N LYS A 40 16.31 -15.09 -28.43
CA LYS A 40 15.91 -14.87 -27.04
C LYS A 40 16.57 -13.61 -26.45
N TYR A 41 17.67 -13.17 -27.04
CA TYR A 41 18.31 -11.99 -26.55
C TYR A 41 18.46 -10.97 -27.69
N LEU A 42 18.37 -9.70 -27.36
CA LEU A 42 18.47 -8.68 -28.36
C LEU A 42 19.55 -7.73 -27.96
N ALA A 43 20.47 -7.47 -28.89
CA ALA A 43 21.48 -6.44 -28.67
C ALA A 43 20.75 -5.10 -28.70
N SER A 44 21.41 -4.06 -28.19
CA SER A 44 20.75 -2.77 -28.05
C SER A 44 20.33 -2.16 -29.39
N ALA A 45 21.23 -2.00 -30.35
CA ALA A 45 20.83 -1.46 -31.66
C ALA A 45 19.62 -2.17 -32.26
N GLU A 46 19.55 -3.49 -32.12
CA GLU A 46 18.46 -4.20 -32.77
C GLU A 46 17.22 -4.16 -31.92
N ARG A 47 17.39 -3.79 -30.67
CA ARG A 47 16.23 -3.59 -29.82
C ARG A 47 15.61 -2.26 -30.26
N ALA A 48 16.48 -1.26 -30.39
CA ALA A 48 16.11 0.06 -30.89
C ALA A 48 15.26 -0.09 -32.14
N ALA A 49 15.75 -0.87 -33.11
CA ALA A 49 14.99 -1.04 -34.36
C ALA A 49 13.69 -1.74 -34.12
N LEU A 50 13.69 -2.77 -33.29
CA LEU A 50 12.43 -3.49 -33.11
C LEU A 50 11.37 -2.56 -32.55
N ALA A 51 11.78 -1.71 -31.61
CA ALA A 51 10.87 -0.77 -30.96
C ALA A 51 10.39 0.26 -31.93
N ARG A 52 11.35 0.87 -32.61
CA ARG A 52 11.06 1.97 -33.50
C ARG A 52 10.05 1.51 -34.54
N GLY A 53 10.01 0.22 -34.84
CA GLY A 53 9.12 -0.33 -35.85
C GLY A 53 7.85 -0.94 -35.29
N LEU A 54 7.70 -0.85 -33.97
CA LEU A 54 6.46 -1.26 -33.32
C LEU A 54 5.91 -0.10 -32.49
N LYS A 55 6.52 1.07 -32.72
CA LYS A 55 6.20 2.32 -32.01
C LYS A 55 6.01 2.09 -30.52
N MET A 56 7.00 1.43 -29.93
CA MET A 56 7.14 1.31 -28.51
C MET A 56 8.42 2.00 -28.17
N THR A 57 8.64 2.28 -26.87
CA THR A 57 9.93 2.81 -26.40
C THR A 57 10.97 1.69 -26.28
N ASP A 58 12.22 2.11 -26.06
CA ASP A 58 13.30 1.19 -25.78
C ASP A 58 13.04 0.41 -24.48
N ALA A 59 12.84 1.13 -23.39
CA ALA A 59 12.52 0.53 -22.10
C ALA A 59 11.44 -0.54 -22.25
N GLN A 60 10.40 -0.26 -23.02
CA GLN A 60 9.33 -1.21 -23.14
C GLN A 60 9.72 -2.55 -23.74
N VAL A 61 10.49 -2.51 -24.84
CA VAL A 61 10.90 -3.77 -25.49
C VAL A 61 11.90 -4.49 -24.62
N LYS A 62 12.89 -3.75 -24.12
CA LYS A 62 13.81 -4.33 -23.19
C LYS A 62 13.09 -5.02 -22.03
N THR A 63 12.02 -4.42 -21.51
CA THR A 63 11.36 -4.99 -20.32
C THR A 63 10.54 -6.18 -20.72
N TRP A 64 9.88 -6.06 -21.87
CA TRP A 64 9.07 -7.13 -22.42
C TRP A 64 9.94 -8.36 -22.60
N PHE A 65 11.14 -8.12 -23.13
CA PHE A 65 12.02 -9.20 -23.39
C PHE A 65 12.43 -9.83 -22.08
N GLN A 66 12.85 -9.00 -21.12
CA GLN A 66 13.17 -9.55 -19.81
C GLN A 66 12.02 -10.35 -19.22
N ASN A 67 10.79 -9.87 -19.34
CA ASN A 67 9.66 -10.54 -18.69
C ASN A 67 9.31 -11.82 -19.41
N ARG A 68 9.49 -11.81 -20.74
CA ARG A 68 9.29 -13.01 -21.55
C ARG A 68 10.25 -14.14 -21.15
N ARG A 69 11.55 -13.84 -21.02
CA ARG A 69 12.55 -14.81 -20.61
C ARG A 69 12.22 -15.43 -19.25
N THR A 70 11.70 -14.59 -18.35
CA THR A 70 11.33 -15.09 -17.03
C THR A 70 10.26 -16.15 -17.22
N LYS A 71 9.23 -15.82 -18.01
CA LYS A 71 8.14 -16.72 -18.29
C LYS A 71 8.69 -17.97 -18.97
N TRP A 72 9.64 -17.79 -19.86
CA TRP A 72 10.16 -18.87 -20.67
C TRP A 72 10.84 -19.91 -19.79
N ARG A 73 11.78 -19.48 -18.95
CA ARG A 73 12.46 -20.36 -18.01
C ARG A 73 11.51 -20.98 -17.02
N ARG A 74 10.69 -20.16 -16.38
CA ARG A 74 9.70 -20.66 -15.44
C ARG A 74 8.82 -21.70 -16.11
N GLN A 75 8.75 -21.68 -17.44
CA GLN A 75 8.03 -22.73 -18.14
C GLN A 75 8.95 -23.89 -18.41
N THR A 76 10.10 -23.60 -19.06
CA THR A 76 11.10 -24.62 -19.37
C THR A 76 11.18 -25.54 -18.18
N ALA A 77 11.92 -25.11 -17.16
CA ALA A 77 12.16 -25.93 -15.98
C ALA A 77 10.93 -26.13 -15.07
N GLU A 78 9.71 -25.87 -15.58
CA GLU A 78 8.48 -26.22 -14.82
C GLU A 78 7.88 -27.54 -15.32
N GLU A 79 8.64 -28.63 -15.20
CA GLU A 79 8.16 -29.97 -15.54
C GLU A 79 7.98 -30.88 -14.31
N ARG B 7 -11.62 -21.47 -18.85
CA ARG B 7 -11.11 -22.84 -19.13
C ARG B 7 -9.57 -22.92 -19.07
N ARG B 8 -8.92 -21.75 -18.98
CA ARG B 8 -7.50 -21.65 -18.61
C ARG B 8 -7.24 -22.42 -17.29
N TYR B 9 -6.08 -23.07 -17.17
CA TYR B 9 -5.78 -23.84 -15.95
C TYR B 9 -5.93 -23.00 -14.67
N ARG B 10 -6.28 -23.64 -13.56
CA ARG B 10 -6.51 -22.94 -12.30
C ARG B 10 -6.39 -23.88 -11.11
N THR B 11 -5.30 -23.76 -10.36
CA THR B 11 -5.03 -24.68 -9.25
C THR B 11 -6.04 -24.50 -8.13
N THR B 12 -6.67 -25.61 -7.72
CA THR B 12 -7.41 -25.67 -6.47
C THR B 12 -6.51 -26.35 -5.42
N PHE B 13 -6.23 -25.65 -4.33
CA PHE B 13 -5.35 -26.19 -3.30
C PHE B 13 -6.12 -27.14 -2.39
N THR B 14 -5.49 -28.26 -2.03
CA THR B 14 -6.03 -29.13 -0.98
C THR B 14 -6.20 -28.32 0.29
N SER B 15 -7.03 -28.81 1.19
CA SER B 15 -7.19 -28.18 2.50
C SER B 15 -5.93 -28.33 3.35
N PHE B 16 -5.10 -29.32 3.01
CA PHE B 16 -3.83 -29.53 3.67
C PHE B 16 -2.77 -28.54 3.20
N GLN B 17 -2.67 -28.35 1.88
CA GLN B 17 -1.69 -27.42 1.39
C GLN B 17 -2.09 -25.97 1.73
N LEU B 18 -3.39 -25.67 1.75
CA LEU B 18 -3.86 -24.36 2.16
C LEU B 18 -3.53 -24.10 3.61
N GLU B 19 -3.58 -25.19 4.38
CA GLU B 19 -3.16 -25.19 5.77
C GLU B 19 -1.71 -24.76 5.90
N GLU B 20 -0.83 -25.41 5.15
CA GLU B 20 0.60 -25.15 5.27
C GLU B 20 1.01 -23.79 4.73
N LEU B 21 0.32 -23.32 3.70
CA LEU B 21 0.56 -22.00 3.15
C LEU B 21 0.19 -20.91 4.18
N GLU B 22 -1.00 -20.98 4.76
CA GLU B 22 -1.41 -20.01 5.79
C GLU B 22 -0.50 -20.03 7.03
N LYS B 23 -0.01 -21.22 7.40
CA LYS B 23 0.86 -21.36 8.57
C LYS B 23 2.21 -20.70 8.32
N ALA B 24 2.73 -20.85 7.09
CA ALA B 24 3.99 -20.24 6.69
C ALA B 24 3.86 -18.73 6.57
N PHE B 25 2.78 -18.29 5.93
CA PHE B 25 2.51 -16.88 5.77
C PHE B 25 2.47 -16.22 7.15
N SER B 26 2.05 -17.00 8.14
CA SER B 26 1.99 -16.52 9.52
C SER B 26 3.37 -16.21 10.13
N ARG B 27 4.38 -17.01 9.81
CA ARG B 27 5.78 -16.75 10.21
C ARG B 27 6.34 -15.52 9.52
N THR B 28 6.66 -15.63 8.22
CA THR B 28 7.02 -14.47 7.39
C THR B 28 6.02 -14.23 6.27
N HIS B 29 5.84 -12.96 5.94
CA HIS B 29 5.02 -12.54 4.82
C HIS B 29 5.87 -12.51 3.54
N TYR B 30 7.20 -12.59 3.72
CA TYR B 30 8.18 -12.67 2.64
C TYR B 30 9.17 -13.80 2.77
N PRO B 31 8.73 -15.04 2.57
CA PRO B 31 9.71 -16.12 2.71
C PRO B 31 10.72 -16.05 1.57
N ASP B 32 11.93 -16.49 1.85
CA ASP B 32 13.00 -16.64 0.87
C ASP B 32 12.72 -17.83 -0.05
N VAL B 33 13.45 -17.86 -1.17
CA VAL B 33 13.28 -18.87 -2.22
C VAL B 33 13.42 -20.29 -1.67
N PHE B 34 14.43 -20.51 -0.83
CA PHE B 34 14.71 -21.85 -0.32
C PHE B 34 13.61 -22.44 0.57
N THR B 35 13.03 -21.59 1.41
CA THR B 35 11.89 -21.93 2.25
C THR B 35 10.71 -22.28 1.36
N ARG B 36 10.50 -21.45 0.35
CA ARG B 36 9.42 -21.63 -0.61
C ARG B 36 9.59 -22.99 -1.24
N GLU B 37 10.79 -23.25 -1.74
CA GLU B 37 11.13 -24.54 -2.32
C GLU B 37 10.85 -25.68 -1.35
N GLU B 38 11.48 -25.64 -0.19
CA GLU B 38 11.29 -26.66 0.83
C GLU B 38 9.82 -26.94 1.11
N LEU B 39 9.01 -25.88 1.10
CA LEU B 39 7.57 -26.01 1.29
C LEU B 39 6.96 -26.75 0.09
N ALA B 40 7.37 -26.35 -1.10
CA ALA B 40 6.90 -26.93 -2.33
C ALA B 40 7.02 -28.46 -2.32
N MET B 41 8.20 -28.95 -1.95
CA MET B 41 8.41 -30.37 -1.79
C MET B 41 7.43 -30.95 -0.79
N LYS B 42 7.37 -30.31 0.37
CA LYS B 42 6.61 -30.77 1.53
C LYS B 42 5.11 -30.88 1.24
N ILE B 43 4.62 -30.20 0.21
CA ILE B 43 3.18 -30.22 -0.08
C ILE B 43 2.82 -30.42 -1.57
N GLY B 44 3.81 -30.80 -2.37
CA GLY B 44 3.56 -31.25 -3.73
C GLY B 44 2.99 -30.16 -4.62
N LEU B 45 3.55 -28.97 -4.52
CA LEU B 45 3.29 -27.96 -5.50
C LEU B 45 4.66 -27.53 -5.97
N THR B 46 4.70 -26.91 -7.14
CA THR B 46 5.90 -26.32 -7.68
C THR B 46 6.17 -24.98 -7.00
N GLU B 47 7.42 -24.52 -7.06
CA GLU B 47 7.81 -23.25 -6.45
C GLU B 47 6.94 -22.09 -6.95
N ALA B 48 6.72 -22.02 -8.26
CA ALA B 48 5.98 -20.91 -8.86
C ALA B 48 4.56 -20.76 -8.30
N ARG B 49 3.87 -21.87 -8.07
CA ARG B 49 2.55 -21.82 -7.46
C ARG B 49 2.59 -21.15 -6.09
N ILE B 50 3.69 -21.34 -5.37
CA ILE B 50 3.79 -20.85 -4.01
C ILE B 50 4.17 -19.39 -4.07
N GLN B 51 5.11 -19.08 -4.96
CA GLN B 51 5.52 -17.70 -5.18
C GLN B 51 4.30 -16.78 -5.43
N VAL B 52 3.34 -17.28 -6.18
CA VAL B 52 2.20 -16.47 -6.59
C VAL B 52 1.23 -16.36 -5.46
N TRP B 53 0.96 -17.50 -4.81
CA TRP B 53 0.15 -17.55 -3.63
C TRP B 53 0.58 -16.44 -2.66
N PHE B 54 1.88 -16.44 -2.31
CA PHE B 54 2.39 -15.45 -1.40
C PHE B 54 2.20 -14.04 -1.95
N GLN B 55 2.37 -13.88 -3.26
CA GLN B 55 2.14 -12.60 -3.88
C GLN B 55 0.71 -12.11 -3.67
N ASN B 56 -0.23 -12.97 -4.03
CA ASN B 56 -1.65 -12.64 -3.97
C ASN B 56 -2.04 -12.41 -2.52
N ARG B 57 -1.69 -13.37 -1.68
CA ARG B 57 -2.01 -13.28 -0.26
C ARG B 57 -1.52 -11.98 0.37
N ARG B 58 -0.36 -11.51 -0.05
CA ARG B 58 0.18 -10.28 0.51
C ARG B 58 -0.66 -9.09 0.07
N ALA B 59 -1.09 -9.13 -1.18
CA ALA B 59 -1.90 -8.06 -1.74
C ALA B 59 -3.16 -7.94 -0.86
N LYS B 60 -3.82 -9.06 -0.60
CA LYS B 60 -4.99 -9.09 0.24
C LYS B 60 -4.72 -8.34 1.56
N TRP B 61 -3.65 -8.73 2.24
CA TRP B 61 -3.27 -8.15 3.49
C TRP B 61 -3.09 -6.66 3.47
N ARG B 62 -2.50 -6.17 2.41
CA ARG B 62 -2.07 -4.79 2.40
C ARG B 62 -3.28 -3.87 2.49
N LYS B 63 -4.32 -4.18 1.69
CA LYS B 63 -5.53 -3.37 1.63
C LYS B 63 -6.53 -3.73 2.73
N HIS E 7 -15.62 0.41 11.79
CA HIS E 7 -15.67 0.12 10.33
C HIS E 7 -14.57 0.86 9.52
N PRO E 8 -13.80 0.10 8.69
CA PRO E 8 -12.64 0.66 7.96
C PRO E 8 -13.02 1.44 6.70
N TYR E 9 -12.04 2.14 6.12
CA TYR E 9 -12.25 3.04 4.98
C TYR E 9 -12.41 2.34 3.64
N GLN E 10 -11.79 1.16 3.50
CA GLN E 10 -11.89 0.36 2.27
C GLN E 10 -13.28 -0.28 2.08
N ASN E 11 -14.06 -0.36 3.16
CA ASN E 11 -15.46 -0.83 3.12
C ASN E 11 -16.49 0.27 2.86
N ARG E 12 -16.01 1.51 2.78
CA ARG E 12 -16.85 2.68 2.47
C ARG E 12 -16.57 3.14 1.04
N THR E 13 -17.64 3.37 0.28
CA THR E 13 -17.50 4.02 -1.03
C THR E 13 -17.08 5.49 -0.83
N PRO E 14 -16.01 5.93 -1.53
CA PRO E 14 -15.53 7.33 -1.49
C PRO E 14 -16.63 8.37 -1.79
N PRO E 15 -16.48 9.61 -1.25
CA PRO E 15 -17.40 10.73 -1.40
C PRO E 15 -18.29 10.69 -2.66
N ARG E 21 -13.49 24.23 1.62
CA ARG E 21 -12.72 25.28 2.30
C ARG E 21 -12.82 26.58 1.49
N THR E 22 -13.57 27.60 1.96
CA THR E 22 -14.30 27.64 3.25
C THR E 22 -13.42 27.47 4.51
N SER E 23 -12.14 27.84 4.42
CA SER E 23 -11.33 28.00 5.60
C SER E 23 -11.91 29.18 6.37
N PHE E 24 -12.39 28.93 7.58
CA PHE E 24 -13.12 29.96 8.32
C PHE E 24 -12.23 31.10 8.78
N THR E 25 -12.81 32.31 8.78
CA THR E 25 -12.13 33.53 9.18
C THR E 25 -11.69 33.46 10.62
N ARG E 26 -10.71 34.30 10.98
CA ARG E 26 -10.19 34.26 12.33
C ARG E 26 -11.24 34.74 13.34
N ILE E 27 -12.30 35.37 12.84
CA ILE E 27 -13.43 35.78 13.69
C ILE E 27 -14.33 34.56 13.97
N GLN E 28 -14.74 33.90 12.90
CA GLN E 28 -15.45 32.65 13.01
C GLN E 28 -14.74 31.70 13.99
N VAL E 29 -13.43 31.54 13.83
CA VAL E 29 -12.67 30.60 14.63
C VAL E 29 -12.67 31.00 16.11
N ALA E 30 -12.17 32.20 16.39
CA ALA E 30 -12.11 32.72 17.76
C ALA E 30 -13.43 32.55 18.50
N GLU E 31 -14.54 32.75 17.77
CA GLU E 31 -15.87 32.66 18.34
C GLU E 31 -16.27 31.22 18.67
N LEU E 32 -16.20 30.33 17.68
CA LEU E 32 -16.38 28.90 17.89
C LEU E 32 -15.53 28.45 19.06
N GLU E 33 -14.26 28.81 19.02
CA GLU E 33 -13.29 28.51 20.07
C GLU E 33 -13.78 28.94 21.45
N LYS E 34 -14.43 30.11 21.48
CA LYS E 34 -14.89 30.75 22.72
C LYS E 34 -16.10 30.02 23.31
N ARG E 35 -17.09 29.76 22.47
CA ARG E 35 -18.26 28.99 22.90
C ARG E 35 -17.87 27.57 23.37
N PHE E 36 -16.95 26.95 22.66
CA PHE E 36 -16.45 25.63 23.03
C PHE E 36 -15.95 25.56 24.47
N HIS E 37 -15.16 26.54 24.89
CA HIS E 37 -14.64 26.58 26.26
C HIS E 37 -15.77 26.79 27.29
N LYS E 38 -16.87 27.41 26.86
CA LYS E 38 -18.03 27.52 27.74
C LYS E 38 -18.77 26.19 27.76
N GLN E 39 -18.69 25.43 26.69
CA GLN E 39 -19.67 24.40 26.43
C GLN E 39 -19.22 23.39 25.36
N LYS E 40 -18.78 22.19 25.79
CA LYS E 40 -18.22 21.19 24.85
C LYS E 40 -19.26 20.57 23.89
N TYR E 41 -20.55 20.64 24.22
CA TYR E 41 -21.57 20.08 23.33
C TYR E 41 -22.71 21.06 23.16
N LEU E 42 -23.48 20.92 22.09
CA LEU E 42 -24.57 21.86 21.87
C LEU E 42 -25.91 21.18 21.63
N ALA E 43 -26.97 21.75 22.19
CA ALA E 43 -28.34 21.37 21.78
C ALA E 43 -28.56 21.81 20.34
N SER E 44 -29.59 21.27 19.71
CA SER E 44 -29.93 21.60 18.32
C SER E 44 -30.15 23.09 18.07
N ALA E 45 -31.07 23.69 18.83
CA ALA E 45 -31.33 25.11 18.67
C ALA E 45 -30.09 25.97 18.95
N GLU E 46 -29.30 25.56 19.93
CA GLU E 46 -28.15 26.34 20.34
C GLU E 46 -27.19 26.43 19.19
N ARG E 47 -27.21 25.40 18.36
CA ARG E 47 -26.29 25.19 17.25
C ARG E 47 -26.73 25.96 16.04
N ALA E 48 -28.00 25.83 15.70
CA ALA E 48 -28.65 26.63 14.67
C ALA E 48 -28.43 28.14 14.89
N ALA E 49 -28.57 28.59 16.12
CA ALA E 49 -28.36 30.00 16.44
C ALA E 49 -26.91 30.37 16.25
N LEU E 50 -25.99 29.46 16.53
CA LEU E 50 -24.58 29.76 16.43
C LEU E 50 -24.21 29.83 14.96
N ALA E 51 -24.83 28.97 14.17
CA ALA E 51 -24.68 28.97 12.72
C ALA E 51 -25.05 30.35 12.17
N ARG E 52 -26.27 30.79 12.45
CA ARG E 52 -26.78 32.03 11.87
C ARG E 52 -25.90 33.20 12.26
N GLY E 53 -25.49 33.24 13.53
CA GLY E 53 -24.59 34.28 14.00
C GLY E 53 -23.27 34.36 13.26
N LEU E 54 -22.78 33.24 12.72
CA LEU E 54 -21.44 33.25 12.15
C LEU E 54 -21.43 33.12 10.62
N LYS E 55 -22.62 33.16 10.03
CA LYS E 55 -22.81 32.97 8.59
C LYS E 55 -22.21 31.63 8.13
N MET E 56 -22.38 30.62 8.97
CA MET E 56 -21.96 29.26 8.65
C MET E 56 -23.20 28.42 8.56
N THR E 57 -23.13 27.35 7.77
CA THR E 57 -24.23 26.39 7.72
C THR E 57 -24.27 25.56 9.00
N ASP E 58 -25.40 24.90 9.24
CA ASP E 58 -25.57 24.15 10.46
C ASP E 58 -24.57 22.99 10.50
N ALA E 59 -24.46 22.29 9.37
CA ALA E 59 -23.55 21.15 9.22
C ALA E 59 -22.10 21.49 9.59
N GLN E 60 -21.65 22.65 9.13
CA GLN E 60 -20.28 23.09 9.41
C GLN E 60 -20.04 23.34 10.88
N VAL E 61 -21.08 23.75 11.60
CA VAL E 61 -20.93 23.95 13.02
C VAL E 61 -20.92 22.58 13.68
N LYS E 62 -21.84 21.72 13.24
CA LYS E 62 -21.86 20.35 13.73
C LYS E 62 -20.48 19.77 13.59
N THR E 63 -19.97 19.79 12.36
CA THR E 63 -18.65 19.24 12.07
C THR E 63 -17.51 19.94 12.82
N TRP E 64 -17.54 21.27 12.85
CA TRP E 64 -16.48 21.98 13.53
C TRP E 64 -16.40 21.47 14.96
N PHE E 65 -17.56 21.28 15.58
CA PHE E 65 -17.53 20.88 16.97
C PHE E 65 -17.01 19.45 17.15
N GLN E 66 -17.42 18.56 16.25
CA GLN E 66 -17.00 17.20 16.29
C GLN E 66 -15.49 17.17 16.23
N ASN E 67 -14.92 17.84 15.22
CA ASN E 67 -13.45 17.94 15.08
C ASN E 67 -12.85 18.57 16.31
N ARG E 68 -13.47 19.63 16.81
CA ARG E 68 -12.89 20.26 17.98
C ARG E 68 -12.81 19.30 19.18
N ARG E 69 -13.84 18.48 19.38
CA ARG E 69 -13.82 17.51 20.45
C ARG E 69 -12.75 16.39 20.30
N THR E 70 -12.59 15.88 19.07
CA THR E 70 -11.55 14.88 18.79
C THR E 70 -10.18 15.44 19.18
N LYS E 71 -9.89 16.66 18.72
CA LYS E 71 -8.67 17.36 19.07
C LYS E 71 -8.57 17.50 20.59
N TRP E 72 -9.66 17.95 21.20
CA TRP E 72 -9.69 18.11 22.65
C TRP E 72 -9.38 16.80 23.33
N ARG E 73 -10.05 15.74 22.94
CA ARG E 73 -9.88 14.44 23.57
C ARG E 73 -8.48 13.84 23.45
N ARG E 74 -7.88 13.95 22.26
CA ARG E 74 -6.55 13.38 22.05
C ARG E 74 -5.42 14.21 22.65
N GLN E 75 -5.70 15.46 23.03
CA GLN E 75 -4.74 16.29 23.76
C GLN E 75 -4.84 15.95 25.22
N THR E 76 -6.06 15.88 25.72
CA THR E 76 -6.33 15.52 27.09
C THR E 76 -5.71 14.17 27.32
N ALA E 77 -6.26 13.16 26.63
CA ALA E 77 -5.93 11.76 26.86
C ALA E 77 -4.47 11.40 26.60
N GLU E 78 -3.73 12.24 25.88
CA GLU E 78 -2.29 11.96 25.68
C GLU E 78 -1.34 12.78 26.56
N GLU E 79 -1.71 14.05 26.84
CA GLU E 79 -0.86 15.03 27.58
C GLU E 79 0.42 14.50 28.22
N ARG F 7 8.04 27.12 17.74
CA ARG F 7 7.83 26.45 19.07
C ARG F 7 6.57 25.54 19.10
N ARG F 8 5.91 25.33 17.96
CA ARG F 8 4.92 24.26 17.86
C ARG F 8 5.66 22.94 17.76
N TYR F 9 5.22 21.95 18.54
CA TYR F 9 5.95 20.71 18.69
C TYR F 9 5.94 19.81 17.43
N ARG F 10 7.07 19.15 17.22
CA ARG F 10 7.20 18.12 16.20
C ARG F 10 8.03 16.99 16.76
N THR F 11 7.66 15.77 16.41
CA THR F 11 8.41 14.61 16.87
C THR F 11 9.43 14.21 15.81
N THR F 12 10.57 13.68 16.26
CA THR F 12 11.55 13.01 15.39
C THR F 12 11.86 11.60 15.93
N PHE F 13 11.44 10.59 15.19
CA PHE F 13 11.48 9.19 15.63
C PHE F 13 12.87 8.59 15.55
N THR F 14 13.27 7.84 16.58
CA THR F 14 14.54 7.11 16.54
C THR F 14 14.52 6.11 15.39
N SER F 15 15.66 5.95 14.74
CA SER F 15 15.79 5.03 13.62
C SER F 15 15.10 3.69 13.88
N PHE F 16 15.12 3.26 15.15
CA PHE F 16 14.50 1.99 15.56
C PHE F 16 13.00 1.96 15.30
N GLN F 17 12.29 2.89 15.94
CA GLN F 17 10.84 3.01 15.75
C GLN F 17 10.52 3.37 14.30
N LEU F 18 11.33 4.25 13.74
CA LEU F 18 11.17 4.65 12.36
C LEU F 18 11.02 3.43 11.44
N GLU F 19 12.03 2.56 11.44
CA GLU F 19 12.05 1.41 10.53
C GLU F 19 11.04 0.33 10.93
N GLU F 20 10.69 0.29 12.22
CA GLU F 20 9.66 -0.63 12.69
C GLU F 20 8.30 -0.27 12.08
N LEU F 21 7.97 1.02 12.13
CA LEU F 21 6.78 1.54 11.51
C LEU F 21 6.76 1.18 10.02
N GLU F 22 7.93 1.26 9.41
CA GLU F 22 8.11 0.82 8.02
C GLU F 22 7.85 -0.67 7.87
N LYS F 23 8.27 -1.47 8.84
CA LYS F 23 8.04 -2.90 8.79
C LYS F 23 6.54 -3.19 8.93
N ALA F 24 5.90 -2.45 9.84
CA ALA F 24 4.47 -2.59 10.08
C ALA F 24 3.68 -2.21 8.82
N PHE F 25 4.12 -1.18 8.13
CA PHE F 25 3.46 -0.76 6.91
C PHE F 25 3.56 -1.80 5.81
N SER F 26 4.71 -2.45 5.70
CA SER F 26 4.89 -3.51 4.71
C SER F 26 3.91 -4.65 4.86
N ARG F 27 3.52 -4.99 6.09
CA ARG F 27 2.39 -5.92 6.34
C ARG F 27 1.02 -5.35 5.93
N THR F 28 0.62 -4.23 6.52
CA THR F 28 -0.67 -3.60 6.19
C THR F 28 -0.59 -2.08 6.13
N HIS F 29 -1.33 -1.50 5.18
CA HIS F 29 -1.45 -0.07 5.04
C HIS F 29 -2.42 0.48 6.07
N TYR F 30 -3.41 -0.34 6.42
CA TYR F 30 -4.50 0.06 7.29
C TYR F 30 -4.55 -0.70 8.60
N PRO F 31 -3.54 -0.53 9.46
CA PRO F 31 -3.67 -1.27 10.70
C PRO F 31 -4.91 -0.73 11.43
N ASP F 32 -5.58 -1.58 12.19
CA ASP F 32 -6.67 -1.13 13.03
C ASP F 32 -6.10 -0.53 14.33
N VAL F 33 -6.95 0.05 15.16
CA VAL F 33 -6.48 0.74 16.36
C VAL F 33 -5.68 -0.20 17.21
N PHE F 34 -6.24 -1.39 17.43
CA PHE F 34 -5.63 -2.36 18.32
C PHE F 34 -4.24 -2.74 17.84
N THR F 35 -4.04 -2.74 16.53
CA THR F 35 -2.71 -2.96 16.03
C THR F 35 -1.78 -1.79 16.38
N ARG F 36 -2.30 -0.57 16.22
CA ARG F 36 -1.47 0.63 16.40
C ARG F 36 -1.12 0.85 17.87
N GLU F 37 -2.12 0.67 18.73
CA GLU F 37 -1.95 0.58 20.18
C GLU F 37 -0.77 -0.32 20.48
N GLU F 38 -0.92 -1.58 20.10
CA GLU F 38 0.08 -2.61 20.35
C GLU F 38 1.45 -2.18 19.83
N LEU F 39 1.49 -1.54 18.66
CA LEU F 39 2.76 -1.03 18.12
C LEU F 39 3.36 0.06 19.02
N ALA F 40 2.54 1.07 19.35
CA ALA F 40 2.99 2.24 20.13
C ALA F 40 3.54 1.82 21.47
N MET F 41 2.86 0.84 22.06
CA MET F 41 3.21 0.29 23.36
C MET F 41 4.53 -0.43 23.21
N LYS F 42 4.80 -0.93 22.01
CA LYS F 42 6.03 -1.65 21.73
C LYS F 42 7.21 -0.69 21.47
N ILE F 43 6.98 0.40 20.75
CA ILE F 43 8.11 1.27 20.37
C ILE F 43 8.16 2.61 21.13
N GLY F 44 7.46 2.67 22.26
CA GLY F 44 7.37 3.88 23.08
C GLY F 44 6.88 5.10 22.31
N LEU F 45 5.59 5.11 21.97
CA LEU F 45 4.95 6.27 21.34
C LEU F 45 3.48 6.36 21.70
N THR F 46 2.84 7.46 21.32
CA THR F 46 1.39 7.57 21.46
C THR F 46 0.73 6.95 20.24
N GLU F 47 -0.38 6.28 20.45
CA GLU F 47 -1.13 5.76 19.32
C GLU F 47 -1.39 6.91 18.35
N ALA F 48 -1.76 8.07 18.88
CA ALA F 48 -2.06 9.22 18.04
C ALA F 48 -0.89 9.54 17.09
N ARG F 49 0.33 9.61 17.61
CA ARG F 49 1.54 9.78 16.79
C ARG F 49 1.65 8.77 15.64
N ILE F 50 1.38 7.50 15.94
CA ILE F 50 1.33 6.46 14.91
C ILE F 50 0.17 6.62 13.92
N GLN F 51 -1.01 6.97 14.42
CA GLN F 51 -2.13 7.16 13.52
C GLN F 51 -1.78 8.23 12.47
N VAL F 52 -1.07 9.25 12.90
CA VAL F 52 -0.67 10.35 12.04
C VAL F 52 0.38 9.84 11.08
N TRP F 53 1.37 9.13 11.63
CA TRP F 53 2.40 8.51 10.78
C TRP F 53 1.77 7.71 9.62
N PHE F 54 0.82 6.84 9.92
CA PHE F 54 0.17 6.10 8.83
C PHE F 54 -0.61 6.97 7.83
N GLN F 55 -1.20 8.07 8.31
CA GLN F 55 -1.89 9.01 7.43
C GLN F 55 -0.94 9.60 6.41
N ASN F 56 0.23 10.02 6.88
CA ASN F 56 1.24 10.61 6.00
C ASN F 56 1.89 9.60 5.09
N ARG F 57 2.22 8.42 5.65
CA ARG F 57 2.87 7.36 4.89
C ARG F 57 1.94 6.79 3.80
N ARG F 58 0.65 6.66 4.11
CA ARG F 58 -0.33 6.27 3.09
C ARG F 58 -0.43 7.35 2.05
N ALA F 59 -0.26 8.61 2.47
CA ALA F 59 -0.37 9.72 1.53
C ALA F 59 0.82 9.70 0.57
N LYS F 60 1.99 9.41 1.10
CA LYS F 60 3.22 9.33 0.31
C LYS F 60 3.18 8.14 -0.65
N TRP F 61 2.74 6.99 -0.15
CA TRP F 61 2.56 5.82 -0.98
C TRP F 61 1.61 6.15 -2.13
N ARG F 62 0.59 6.94 -1.81
CA ARG F 62 -0.49 7.26 -2.76
C ARG F 62 0.04 8.05 -3.95
N LYS F 63 1.01 8.92 -3.69
CA LYS F 63 1.56 9.79 -4.74
C LYS F 63 2.81 9.26 -5.47
N GLN F 64 3.36 8.13 -5.01
CA GLN F 64 4.59 7.62 -5.61
C GLN F 64 4.62 6.11 -5.87
N GLU F 65 3.83 5.34 -5.16
CA GLU F 65 3.92 3.90 -5.36
C GLU F 65 2.77 3.41 -6.20
N LYS F 66 1.78 4.26 -6.39
CA LYS F 66 0.59 3.90 -7.13
C LYS F 66 0.80 4.21 -8.62
N VAL F 67 0.58 3.22 -9.48
CA VAL F 67 0.76 3.40 -10.93
C VAL F 67 -0.03 4.61 -11.46
#